data_7OOF
#
_entry.id   7OOF
#
_cell.length_a   34.810
_cell.length_b   81.110
_cell.length_c   80.690
_cell.angle_alpha   90.000
_cell.angle_beta   90.000
_cell.angle_gamma   90.000
#
_symmetry.space_group_name_H-M   'P 21 21 21'
#
loop_
_entity.id
_entity.type
_entity.pdbx_description
1 polymer 'Alginate lyase (PL7)'
2 branched 'beta-D-mannopyranuronic acid-(1-4)-beta-D-mannopyranuronic acid-(1-4)-beta-D-mannopyranuronic acid'
3 non-polymer 'alpha-D-mannopyranuronic acid'
4 non-polymer 'TETRAETHYLENE GLYCOL'
5 water water
#
_entity_poly.entity_id   1
_entity_poly.type   'polypeptide(L)'
_entity_poly.pdbx_seq_one_letter_code
;EFYTAPSTESKFTEVLSKAKLQYPTSTTVAFADDLLDGYAASYFYLTSDLYMQFQVAGSSQRSELREMETSGDEAAWDCT
GSTAHVASAQIAIPVQEDGIEEVTILQVHDSDVTPVLRISWVSSITIDGVTSEDVVLATIRNGIDDSTATKTVLQAHTTS
RTEFNINVQNSKLSITVDGTTELDEADISQFDGSTCYFKAGAYNNNPTDTSANARIKMYELEWVDHHHHHH
;
_entity_poly.pdbx_strand_id   A
#
loop_
_chem_comp.id
_chem_comp.type
_chem_comp.name
_chem_comp.formula
BEM D-saccharide, beta linking 'beta-D-mannopyranuronic acid' 'C6 H10 O7'
MAV D-saccharide, alpha linking 'alpha-D-mannopyranuronic acid' 'C6 H10 O7'
PG4 non-polymer 'TETRAETHYLENE GLYCOL' 'C8 H18 O5'
#
# COMPACT_ATOMS: atom_id res chain seq x y z
N PHE A 2 17.61 18.99 3.28
CA PHE A 2 17.44 19.10 4.72
C PHE A 2 16.43 18.08 5.25
N TYR A 3 16.25 16.98 4.53
CA TYR A 3 15.32 15.94 4.94
C TYR A 3 16.04 14.83 5.68
N THR A 4 15.43 14.36 6.77
CA THR A 4 15.96 13.26 7.55
C THR A 4 15.51 11.94 6.93
N ALA A 5 16.40 10.97 6.90
CA ALA A 5 16.13 9.70 6.22
C ALA A 5 15.32 8.76 7.12
N PRO A 6 14.32 8.07 6.56
CA PRO A 6 13.68 7.00 7.33
C PRO A 6 14.64 5.93 7.85
N SER A 7 15.77 5.71 7.16
CA SER A 7 16.73 4.71 7.61
C SER A 7 17.34 5.05 8.96
N THR A 8 17.21 6.30 9.44
CA THR A 8 17.72 6.61 10.76
C THR A 8 16.94 5.96 11.88
N GLU A 9 15.78 5.36 11.60
CA GLU A 9 14.99 4.68 12.61
C GLU A 9 15.10 3.18 12.39
N SER A 10 15.58 2.47 13.40
CA SER A 10 15.77 1.03 13.25
C SER A 10 14.47 0.29 12.98
N LYS A 11 13.31 0.85 13.36
CA LYS A 11 12.05 0.18 13.09
C LYS A 11 11.79 0.06 11.60
N PHE A 12 12.51 0.82 10.77
CA PHE A 12 12.37 0.69 9.33
C PHE A 12 13.51 -0.06 8.64
N THR A 13 14.56 -0.45 9.36
CA THR A 13 15.72 -1.04 8.68
C THR A 13 15.31 -2.28 7.88
N GLU A 14 14.55 -3.16 8.50
CA GLU A 14 14.24 -4.43 7.84
C GLU A 14 13.38 -4.23 6.61
N VAL A 15 12.32 -3.43 6.70
CA VAL A 15 11.47 -3.26 5.52
C VAL A 15 12.24 -2.56 4.40
N LEU A 16 13.08 -1.58 4.74
CA LEU A 16 13.85 -0.91 3.71
C LEU A 16 14.84 -1.84 3.04
N SER A 17 15.43 -2.77 3.80
CA SER A 17 16.30 -3.80 3.25
C SER A 17 15.52 -4.70 2.31
N LYS A 18 14.20 -4.77 2.49
CA LYS A 18 13.29 -5.59 1.70
C LYS A 18 12.40 -4.73 0.82
N ALA A 19 12.95 -3.66 0.25
CA ALA A 19 12.16 -2.77 -0.58
C ALA A 19 13.02 -2.04 -1.58
N LYS A 20 12.37 -1.48 -2.59
CA LYS A 20 12.91 -0.40 -3.39
C LYS A 20 11.84 0.67 -3.51
N LEU A 21 12.26 1.91 -3.67
CA LEU A 21 11.35 3.05 -3.75
C LEU A 21 11.17 3.47 -5.19
N GLN A 22 9.91 3.56 -5.62
CA GLN A 22 9.53 4.01 -6.95
C GLN A 22 8.93 5.40 -6.85
N TYR A 23 9.41 6.31 -7.70
CA TYR A 23 8.89 7.69 -7.75
C TYR A 23 9.36 8.31 -9.05
N PRO A 24 8.52 9.08 -9.76
CA PRO A 24 7.09 9.29 -9.52
C PRO A 24 6.24 8.30 -10.30
N THR A 25 6.87 7.41 -11.07
CA THR A 25 6.15 6.38 -11.79
C THR A 25 6.75 5.05 -11.37
N SER A 26 6.72 4.05 -12.23
CA SER A 26 7.16 2.71 -11.88
C SER A 26 8.68 2.59 -11.78
N THR A 27 9.43 3.59 -12.24
CA THR A 27 10.89 3.50 -12.24
C THR A 27 11.46 3.63 -10.82
N THR A 28 12.41 2.77 -10.49
CA THR A 28 13.03 2.80 -9.17
C THR A 28 13.96 4.01 -9.04
N VAL A 29 13.79 4.77 -7.96
CA VAL A 29 14.72 5.85 -7.65
C VAL A 29 15.72 5.43 -6.59
N ALA A 30 15.35 4.51 -5.69
CA ALA A 30 16.27 4.10 -4.65
C ALA A 30 16.07 2.62 -4.37
N PHE A 31 17.14 1.85 -4.49
CA PHE A 31 17.17 0.45 -4.11
C PHE A 31 17.41 0.31 -2.61
N ALA A 32 17.33 -0.91 -2.11
CA ALA A 32 17.48 -1.13 -0.68
C ALA A 32 18.76 -0.51 -0.15
N ASP A 33 19.89 -0.72 -0.84
CA ASP A 33 21.14 -0.17 -0.33
C ASP A 33 21.10 1.35 -0.28
N ASP A 34 20.49 1.98 -1.27
CA ASP A 34 20.33 3.43 -1.27
C ASP A 34 19.47 3.88 -0.10
N LEU A 35 18.34 3.20 0.12
CA LEU A 35 17.46 3.52 1.24
C LEU A 35 18.19 3.42 2.56
N LEU A 36 18.95 2.33 2.75
CA LEU A 36 19.65 2.10 4.01
C LEU A 36 20.76 3.12 4.23
N ASP A 37 21.29 3.71 3.15
CA ASP A 37 22.35 4.70 3.21
C ASP A 37 21.82 6.12 3.37
N GLY A 38 20.58 6.28 3.79
CA GLY A 38 20.07 7.58 4.15
C GLY A 38 19.32 8.30 3.06
N TYR A 39 18.75 7.60 2.08
CA TYR A 39 17.98 8.26 1.04
C TYR A 39 16.84 9.04 1.66
N ALA A 40 16.67 10.28 1.21
CA ALA A 40 15.59 11.14 1.67
C ALA A 40 15.36 12.23 0.64
N ALA A 41 14.10 12.60 0.48
CA ALA A 41 13.69 13.62 -0.48
C ALA A 41 12.33 14.14 -0.06
N SER A 42 11.84 15.18 -0.74
CA SER A 42 10.55 15.76 -0.39
C SER A 42 9.44 14.70 -0.45
N TYR A 43 9.59 13.71 -1.32
CA TYR A 43 8.59 12.68 -1.53
C TYR A 43 8.77 11.47 -0.60
N PHE A 44 9.82 11.45 0.22
CA PHE A 44 10.12 10.29 1.07
C PHE A 44 11.06 10.75 2.17
N TYR A 45 10.52 10.99 3.38
N TYR A 45 10.53 10.99 3.37
CA TYR A 45 11.37 11.43 4.47
CA TYR A 45 11.39 11.41 4.47
C TYR A 45 10.74 11.12 5.81
C TYR A 45 10.76 11.06 5.81
N LEU A 46 11.55 11.26 6.86
CA LEU A 46 11.15 10.99 8.24
C LEU A 46 10.74 12.31 8.90
N THR A 47 9.52 12.32 9.45
CA THR A 47 9.03 13.49 10.15
C THR A 47 9.59 13.55 11.56
N SER A 48 9.39 14.70 12.23
CA SER A 48 10.00 14.89 13.55
C SER A 48 9.43 13.96 14.60
N ASP A 49 8.18 13.51 14.43
CA ASP A 49 7.55 12.52 15.29
C ASP A 49 7.64 11.09 14.73
N LEU A 50 8.53 10.86 13.77
CA LEU A 50 9.05 9.53 13.45
C LEU A 50 8.13 8.73 12.54
N TYR A 51 7.40 9.43 11.68
CA TYR A 51 6.69 8.80 10.57
C TYR A 51 7.52 8.83 9.29
N MET A 52 7.44 7.74 8.54
CA MET A 52 7.93 7.71 7.17
C MET A 52 6.83 8.27 6.29
N GLN A 53 7.07 9.43 5.69
CA GLN A 53 6.05 10.14 4.93
C GLN A 53 6.33 10.05 3.45
N PHE A 54 5.30 9.71 2.69
CA PHE A 54 5.29 9.67 1.24
C PHE A 54 4.43 10.81 0.73
N GLN A 55 4.89 11.49 -0.33
CA GLN A 55 4.13 12.60 -0.90
C GLN A 55 4.38 12.67 -2.41
N VAL A 56 3.32 12.91 -3.19
CA VAL A 56 3.45 12.92 -4.65
C VAL A 56 2.27 13.70 -5.22
N ALA A 57 2.52 14.40 -6.33
CA ALA A 57 1.51 15.10 -7.08
C ALA A 57 1.38 14.46 -8.46
N GLY A 58 0.21 14.63 -9.07
CA GLY A 58 0.02 14.24 -10.46
C GLY A 58 -0.80 12.96 -10.60
N SER A 59 -1.48 12.84 -11.74
CA SER A 59 -2.39 11.72 -11.95
C SER A 59 -1.63 10.41 -12.10
N SER A 60 -1.99 9.42 -11.29
CA SER A 60 -1.41 8.09 -11.32
C SER A 60 0.07 8.10 -10.99
N GLN A 61 0.55 9.13 -10.34
CA GLN A 61 1.93 9.18 -9.88
C GLN A 61 2.01 8.60 -8.47
N ARG A 62 3.20 8.20 -8.08
CA ARG A 62 3.38 7.43 -6.86
C ARG A 62 4.71 7.78 -6.19
N SER A 63 4.71 7.65 -4.86
CA SER A 63 5.91 7.48 -4.07
C SER A 63 5.64 6.23 -3.25
N GLU A 64 6.27 5.11 -3.62
CA GLU A 64 5.83 3.82 -3.11
C GLU A 64 7.00 2.88 -2.94
N LEU A 65 7.00 2.15 -1.83
CA LEU A 65 7.92 1.03 -1.64
C LEU A 65 7.32 -0.22 -2.28
N ARG A 66 8.18 -1.00 -2.90
CA ARG A 66 7.83 -2.22 -3.61
C ARG A 66 8.63 -3.35 -2.97
N GLU A 67 7.96 -4.42 -2.55
CA GLU A 67 8.58 -5.49 -1.79
C GLU A 67 9.70 -6.19 -2.57
N MET A 68 10.83 -6.35 -1.90
CA MET A 68 12.01 -7.03 -2.43
C MET A 68 12.47 -8.11 -1.47
N GLU A 69 13.27 -9.04 -1.99
CA GLU A 69 14.00 -9.99 -1.17
C GLU A 69 15.37 -9.40 -0.84
N THR A 70 15.92 -9.83 0.29
CA THR A 70 17.26 -9.37 0.67
C THR A 70 18.32 -9.80 -0.34
N SER A 71 18.08 -10.85 -1.10
CA SER A 71 18.99 -11.30 -2.15
C SER A 71 19.11 -10.30 -3.30
N GLY A 72 18.21 -9.30 -3.37
CA GLY A 72 18.09 -8.44 -4.51
C GLY A 72 17.06 -8.88 -5.52
N ASP A 73 16.55 -10.10 -5.40
CA ASP A 73 15.44 -10.55 -6.25
C ASP A 73 14.20 -9.73 -5.92
N GLU A 74 13.41 -9.42 -6.94
CA GLU A 74 12.07 -8.91 -6.69
C GLU A 74 11.27 -9.97 -5.97
N ALA A 75 10.45 -9.54 -5.02
CA ALA A 75 9.46 -10.46 -4.47
C ALA A 75 8.52 -10.89 -5.58
N ALA A 76 8.23 -12.18 -5.62
CA ALA A 76 7.37 -12.79 -6.63
C ALA A 76 6.85 -14.10 -6.07
N TRP A 77 6.11 -14.00 -4.97
CA TRP A 77 5.60 -15.18 -4.30
C TRP A 77 4.30 -15.63 -4.97
N ASP A 78 4.02 -16.92 -4.87
CA ASP A 78 2.81 -17.48 -5.49
C ASP A 78 1.60 -16.80 -4.85
N CYS A 79 0.79 -16.12 -5.66
CA CYS A 79 -0.31 -15.32 -5.09
C CYS A 79 -1.25 -16.17 -4.23
N THR A 80 -1.48 -17.42 -4.62
CA THR A 80 -2.45 -18.27 -3.94
C THR A 80 -1.79 -19.50 -3.32
N GLY A 81 -0.50 -19.42 -3.00
CA GLY A 81 0.23 -20.54 -2.45
C GLY A 81 -0.06 -20.80 -0.98
N SER A 82 0.57 -21.87 -0.49
CA SER A 82 0.36 -22.35 0.87
C SER A 82 1.11 -21.52 1.92
N THR A 83 2.17 -20.83 1.53
CA THR A 83 2.90 -19.97 2.45
C THR A 83 2.10 -18.70 2.65
N ALA A 84 1.91 -18.30 3.90
CA ALA A 84 1.22 -17.05 4.20
C ALA A 84 2.14 -15.88 3.92
N HIS A 85 1.55 -14.81 3.39
CA HIS A 85 2.25 -13.54 3.24
C HIS A 85 1.46 -12.47 3.96
N VAL A 86 2.14 -11.72 4.82
CA VAL A 86 1.48 -10.77 5.72
C VAL A 86 2.18 -9.43 5.60
N ALA A 87 1.42 -8.39 5.36
CA ALA A 87 1.92 -7.03 5.46
C ALA A 87 1.19 -6.36 6.60
N SER A 88 1.93 -5.61 7.42
N SER A 88 1.94 -5.66 7.44
CA SER A 88 1.39 -4.93 8.58
CA SER A 88 1.38 -4.91 8.56
C SER A 88 1.92 -3.50 8.60
C SER A 88 1.90 -3.50 8.47
N ALA A 89 1.03 -2.53 8.77
CA ALA A 89 1.41 -1.13 8.74
C ALA A 89 0.58 -0.35 9.73
N GLN A 90 1.21 0.64 10.35
CA GLN A 90 0.49 1.62 11.16
C GLN A 90 0.51 2.89 10.35
N ILE A 91 -0.65 3.35 9.89
CA ILE A 91 -0.74 4.43 8.91
C ILE A 91 -1.59 5.54 9.49
N ALA A 92 -1.10 6.77 9.39
CA ALA A 92 -1.88 7.97 9.66
C ALA A 92 -2.16 8.60 8.31
N ILE A 93 -3.43 8.69 7.95
CA ILE A 93 -3.86 9.29 6.70
C ILE A 93 -4.29 10.73 7.01
N PRO A 94 -3.50 11.75 6.69
CA PRO A 94 -3.93 13.12 6.94
C PRO A 94 -5.15 13.48 6.12
N VAL A 95 -5.82 14.56 6.50
CA VAL A 95 -6.78 15.15 5.59
C VAL A 95 -6.07 15.52 4.30
N GLN A 96 -6.60 15.06 3.18
CA GLN A 96 -5.91 15.25 1.91
C GLN A 96 -6.17 16.64 1.34
N GLU A 97 -5.18 17.15 0.62
CA GLU A 97 -5.27 18.46 -0.02
C GLU A 97 -6.45 18.53 -0.97
N ASP A 98 -6.96 19.74 -1.17
CA ASP A 98 -8.03 19.92 -2.12
C ASP A 98 -7.59 19.39 -3.48
N GLY A 99 -8.49 18.64 -4.14
CA GLY A 99 -8.20 18.08 -5.43
C GLY A 99 -7.67 16.66 -5.41
N ILE A 100 -7.34 16.14 -4.24
CA ILE A 100 -6.95 14.74 -4.08
C ILE A 100 -8.22 13.95 -3.78
N GLU A 101 -8.51 12.92 -4.58
CA GLU A 101 -9.77 12.18 -4.49
C GLU A 101 -9.61 10.73 -4.10
N GLU A 102 -8.46 10.12 -4.33
CA GLU A 102 -8.21 8.75 -3.91
C GLU A 102 -6.71 8.56 -3.79
N VAL A 103 -6.26 7.93 -2.71
CA VAL A 103 -4.85 7.64 -2.50
C VAL A 103 -4.73 6.19 -2.08
N THR A 104 -4.05 5.39 -2.90
CA THR A 104 -3.75 4.00 -2.56
C THR A 104 -2.54 3.96 -1.63
N ILE A 105 -2.70 3.26 -0.50
CA ILE A 105 -1.72 3.23 0.57
C ILE A 105 -1.04 1.87 0.75
N LEU A 106 -1.71 0.77 0.39
CA LEU A 106 -1.13 -0.56 0.43
C LEU A 106 -1.66 -1.32 -0.78
N GLN A 107 -0.85 -2.21 -1.33
CA GLN A 107 -1.27 -3.06 -2.43
C GLN A 107 -0.73 -4.46 -2.27
N VAL A 108 -1.47 -5.41 -2.83
CA VAL A 108 -0.93 -6.67 -3.32
C VAL A 108 -1.02 -6.57 -4.83
N HIS A 109 0.11 -6.65 -5.52
CA HIS A 109 0.13 -6.51 -6.97
C HIS A 109 0.72 -7.75 -7.61
N ASP A 110 0.20 -8.15 -8.79
CA ASP A 110 0.80 -9.27 -9.49
C ASP A 110 2.09 -8.81 -10.17
N SER A 111 2.80 -9.75 -10.76
CA SER A 111 4.08 -9.44 -11.36
C SER A 111 3.96 -8.91 -12.77
N ASP A 112 2.76 -8.59 -13.21
CA ASP A 112 2.54 -7.93 -14.49
C ASP A 112 1.82 -6.60 -14.27
N VAL A 113 0.56 -6.48 -14.71
CA VAL A 113 -0.08 -5.17 -14.74
C VAL A 113 -1.35 -5.11 -13.89
N THR A 114 -1.60 -6.05 -12.99
CA THR A 114 -2.88 -6.07 -12.28
C THR A 114 -2.72 -5.98 -10.78
N PRO A 115 -3.35 -5.01 -10.11
CA PRO A 115 -3.42 -5.00 -8.65
C PRO A 115 -4.44 -6.01 -8.16
N VAL A 116 -3.98 -6.98 -7.36
CA VAL A 116 -4.88 -7.91 -6.70
C VAL A 116 -5.75 -7.16 -5.70
N LEU A 117 -5.11 -6.41 -4.83
CA LEU A 117 -5.77 -5.62 -3.80
C LEU A 117 -5.15 -4.23 -3.78
N ARG A 118 -6.00 -3.22 -3.71
CA ARG A 118 -5.60 -1.88 -3.29
C ARG A 118 -6.39 -1.54 -2.04
N ILE A 119 -5.71 -1.02 -1.03
CA ILE A 119 -6.36 -0.33 0.09
C ILE A 119 -6.14 1.14 -0.17
N SER A 120 -7.22 1.91 -0.23
CA SER A 120 -7.10 3.31 -0.58
C SER A 120 -8.04 4.15 0.27
N TRP A 121 -7.64 5.40 0.50
CA TRP A 121 -8.57 6.43 0.96
C TRP A 121 -9.32 6.96 -0.25
N VAL A 122 -10.63 7.18 -0.10
CA VAL A 122 -11.45 7.79 -1.15
C VAL A 122 -12.30 8.91 -0.58
N SER A 123 -12.41 10.01 -1.32
N SER A 123 -12.44 9.98 -1.35
CA SER A 123 -13.32 11.09 -0.95
CA SER A 123 -13.37 11.05 -1.00
C SER A 123 -14.75 10.59 -0.93
C SER A 123 -14.82 10.57 -1.03
N SER A 124 -15.11 9.74 -1.88
N SER A 124 -15.16 9.73 -2.01
CA SER A 124 -16.42 9.11 -1.90
CA SER A 124 -16.51 9.21 -2.11
C SER A 124 -16.34 7.81 -2.70
C SER A 124 -16.48 7.91 -2.92
N ILE A 125 -17.36 6.98 -2.54
CA ILE A 125 -17.51 5.75 -3.30
C ILE A 125 -18.97 5.32 -3.21
N THR A 126 -19.48 4.72 -4.28
CA THR A 126 -20.83 4.16 -4.28
C THR A 126 -20.75 2.68 -4.58
N ILE A 127 -21.27 1.85 -3.67
CA ILE A 127 -21.19 0.40 -3.73
C ILE A 127 -22.58 -0.15 -3.53
N ASP A 128 -23.09 -0.89 -4.52
CA ASP A 128 -24.43 -1.48 -4.46
C ASP A 128 -25.47 -0.44 -4.05
N GLY A 129 -25.36 0.77 -4.63
CA GLY A 129 -26.33 1.82 -4.39
C GLY A 129 -26.11 2.65 -3.14
N VAL A 130 -25.08 2.35 -2.36
CA VAL A 130 -24.82 3.02 -1.09
C VAL A 130 -23.58 3.90 -1.26
N THR A 131 -23.73 5.19 -1.02
CA THR A 131 -22.62 6.13 -1.11
C THR A 131 -22.02 6.38 0.26
N SER A 132 -20.70 6.22 0.35
CA SER A 132 -19.93 6.49 1.56
C SER A 132 -18.93 7.59 1.24
N GLU A 133 -18.76 8.53 2.17
CA GLU A 133 -17.85 9.65 2.02
C GLU A 133 -16.70 9.50 3.00
N ASP A 134 -15.49 9.79 2.52
CA ASP A 134 -14.32 9.93 3.40
C ASP A 134 -14.04 8.61 4.14
N VAL A 135 -13.76 7.57 3.36
CA VAL A 135 -13.59 6.22 3.90
C VAL A 135 -12.32 5.59 3.35
N VAL A 136 -11.90 4.52 4.00
CA VAL A 136 -10.83 3.65 3.53
C VAL A 136 -11.48 2.40 2.96
N LEU A 137 -11.03 2.01 1.76
CA LEU A 137 -11.68 1.03 0.91
C LEU A 137 -10.72 -0.08 0.53
N ALA A 138 -11.22 -1.30 0.39
CA ALA A 138 -10.50 -2.38 -0.29
C ALA A 138 -11.09 -2.61 -1.67
N THR A 139 -10.22 -2.75 -2.66
CA THR A 139 -10.62 -3.02 -4.04
C THR A 139 -9.88 -4.26 -4.51
N ILE A 140 -10.62 -5.32 -4.84
CA ILE A 140 -10.04 -6.57 -5.33
C ILE A 140 -10.49 -6.80 -6.77
N ARG A 141 -9.52 -6.83 -7.69
CA ARG A 141 -9.85 -7.03 -9.09
C ARG A 141 -10.41 -8.42 -9.32
N ASN A 142 -11.43 -8.50 -10.16
CA ASN A 142 -12.12 -9.76 -10.41
C ASN A 142 -11.34 -10.69 -11.32
N GLY A 143 -10.37 -10.16 -12.07
CA GLY A 143 -9.50 -11.01 -12.85
C GLY A 143 -8.57 -10.15 -13.68
N ILE A 144 -7.56 -10.80 -14.26
CA ILE A 144 -6.62 -10.09 -15.10
C ILE A 144 -7.30 -9.56 -16.35
N ASP A 145 -8.29 -10.28 -16.87
CA ASP A 145 -8.99 -9.88 -18.09
C ASP A 145 -10.35 -9.28 -17.81
N ASP A 146 -10.60 -8.85 -16.58
CA ASP A 146 -11.85 -8.23 -16.18
C ASP A 146 -11.47 -6.96 -15.42
N SER A 147 -11.75 -5.79 -16.00
CA SER A 147 -11.37 -4.53 -15.40
C SER A 147 -12.15 -4.20 -14.14
N THR A 148 -13.26 -4.90 -13.88
CA THR A 148 -14.06 -4.60 -12.71
C THR A 148 -13.44 -5.20 -11.45
N ALA A 149 -13.94 -4.72 -10.30
CA ALA A 149 -13.45 -5.11 -9.00
C ALA A 149 -14.59 -5.19 -8.02
N THR A 150 -14.36 -5.92 -6.94
CA THR A 150 -15.24 -5.94 -5.78
C THR A 150 -14.67 -4.99 -4.76
N LYS A 151 -15.49 -4.09 -4.25
CA LYS A 151 -15.09 -3.03 -3.33
C LYS A 151 -15.79 -3.19 -1.98
N THR A 152 -15.05 -2.95 -0.91
CA THR A 152 -15.54 -3.11 0.45
C THR A 152 -15.04 -1.95 1.29
N VAL A 153 -15.93 -1.21 1.93
CA VAL A 153 -15.53 -0.17 2.87
C VAL A 153 -14.96 -0.82 4.10
N LEU A 154 -13.75 -0.40 4.50
CA LEU A 154 -13.05 -0.96 5.64
C LEU A 154 -13.15 -0.11 6.90
N GLN A 155 -13.25 1.21 6.79
CA GLN A 155 -13.07 2.10 7.93
C GLN A 155 -13.53 3.49 7.54
N ALA A 156 -14.18 4.19 8.46
CA ALA A 156 -14.34 5.63 8.31
C ALA A 156 -12.97 6.27 8.47
N HIS A 157 -12.63 7.21 7.60
CA HIS A 157 -11.33 7.88 7.68
C HIS A 157 -11.19 8.60 9.02
N THR A 158 -10.08 8.36 9.68
CA THR A 158 -9.61 9.14 10.81
C THR A 158 -8.18 9.55 10.51
N THR A 159 -7.78 10.68 11.07
CA THR A 159 -6.37 11.04 11.00
C THR A 159 -5.53 10.25 12.00
N SER A 160 -6.15 9.54 12.93
CA SER A 160 -5.39 8.79 13.93
C SER A 160 -4.64 7.62 13.30
N ARG A 161 -3.50 7.31 13.91
CA ARG A 161 -2.71 6.16 13.49
C ARG A 161 -3.53 4.89 13.59
N THR A 162 -3.58 4.14 12.50
CA THR A 162 -4.46 2.99 12.35
C THR A 162 -3.65 1.79 11.90
N GLU A 163 -3.88 0.64 12.52
CA GLU A 163 -3.17 -0.59 12.16
C GLU A 163 -3.92 -1.30 11.04
N PHE A 164 -3.24 -1.54 9.92
CA PHE A 164 -3.75 -2.35 8.81
C PHE A 164 -2.93 -3.63 8.70
N ASN A 165 -3.59 -4.77 8.49
CA ASN A 165 -2.90 -6.03 8.29
C ASN A 165 -3.55 -6.73 7.12
N ILE A 166 -2.74 -7.17 6.17
CA ILE A 166 -3.18 -7.95 5.02
C ILE A 166 -2.59 -9.34 5.17
N ASN A 167 -3.43 -10.38 5.15
CA ASN A 167 -2.99 -11.75 5.27
C ASN A 167 -3.43 -12.50 4.02
N VAL A 168 -2.47 -13.04 3.28
CA VAL A 168 -2.74 -13.74 2.03
C VAL A 168 -2.24 -15.17 2.19
N GLN A 169 -3.14 -16.14 2.06
CA GLN A 169 -2.73 -17.53 2.17
C GLN A 169 -3.76 -18.42 1.49
N ASN A 170 -3.30 -19.40 0.71
N ASN A 170 -3.25 -19.46 0.86
CA ASN A 170 -4.19 -20.45 0.16
CA ASN A 170 -4.03 -20.21 -0.10
C ASN A 170 -5.41 -19.91 -0.58
C ASN A 170 -4.70 -19.18 -0.99
N SER A 171 -5.18 -18.94 -1.46
N SER A 171 -5.88 -19.46 -1.50
CA SER A 171 -6.19 -18.39 -2.38
CA SER A 171 -6.54 -18.54 -2.41
C SER A 171 -7.24 -17.51 -1.71
C SER A 171 -7.38 -17.51 -1.70
N LYS A 172 -7.05 -17.15 -0.45
CA LYS A 172 -7.89 -16.23 0.30
C LYS A 172 -7.06 -15.05 0.82
N LEU A 173 -7.73 -13.92 0.99
CA LEU A 173 -7.10 -12.68 1.46
C LEU A 173 -7.98 -12.04 2.52
N SER A 174 -7.38 -11.71 3.66
CA SER A 174 -8.10 -11.06 4.76
C SER A 174 -7.43 -9.74 5.12
N ILE A 175 -8.24 -8.79 5.61
CA ILE A 175 -7.77 -7.48 6.06
C ILE A 175 -8.32 -7.21 7.45
N THR A 176 -7.45 -6.86 8.37
CA THR A 176 -7.85 -6.40 9.69
C THR A 176 -7.47 -4.93 9.82
N VAL A 177 -8.34 -4.19 10.49
CA VAL A 177 -8.15 -2.77 10.77
C VAL A 177 -8.31 -2.57 12.26
N ASP A 178 -7.27 -2.08 12.93
CA ASP A 178 -7.27 -1.95 14.38
C ASP A 178 -7.79 -3.21 15.04
N GLY A 179 -7.33 -4.36 14.54
CA GLY A 179 -7.60 -5.65 15.18
C GLY A 179 -8.88 -6.32 14.77
N THR A 180 -9.75 -5.64 14.03
CA THR A 180 -11.06 -6.17 13.65
C THR A 180 -10.99 -6.62 12.19
N THR A 181 -11.46 -7.83 11.93
CA THR A 181 -11.51 -8.30 10.55
C THR A 181 -12.57 -7.51 9.77
N GLU A 182 -12.13 -6.82 8.72
CA GLU A 182 -13.05 -6.04 7.90
C GLU A 182 -13.23 -6.66 6.52
N LEU A 183 -12.37 -7.58 6.12
CA LEU A 183 -12.56 -8.39 4.92
C LEU A 183 -12.09 -9.79 5.28
N ASP A 184 -13.01 -10.76 5.32
CA ASP A 184 -12.74 -12.09 5.86
C ASP A 184 -12.61 -13.09 4.72
N GLU A 185 -11.37 -13.48 4.41
CA GLU A 185 -11.07 -14.52 3.44
C GLU A 185 -11.80 -14.32 2.12
N ALA A 186 -11.59 -13.14 1.53
CA ALA A 186 -12.04 -12.89 0.17
C ALA A 186 -11.30 -13.80 -0.80
N ASP A 187 -11.99 -14.26 -1.81
N ASP A 187 -12.00 -14.29 -1.81
CA ASP A 187 -11.41 -15.18 -2.76
CA ASP A 187 -11.41 -15.20 -2.77
C ASP A 187 -10.54 -14.45 -3.76
C ASP A 187 -10.53 -14.44 -3.75
N ILE A 188 -9.31 -14.94 -3.97
CA ILE A 188 -8.39 -14.40 -4.98
C ILE A 188 -7.89 -15.49 -5.93
N SER A 189 -8.67 -16.55 -6.07
CA SER A 189 -8.29 -17.65 -6.97
C SER A 189 -8.10 -17.19 -8.41
N GLN A 190 -8.71 -16.07 -8.80
CA GLN A 190 -8.47 -15.52 -10.13
C GLN A 190 -6.99 -15.19 -10.36
N PHE A 191 -6.17 -15.19 -9.31
CA PHE A 191 -4.72 -15.01 -9.41
C PHE A 191 -3.93 -16.32 -9.23
N ASP A 192 -4.58 -17.48 -9.38
CA ASP A 192 -3.83 -18.73 -9.42
C ASP A 192 -2.86 -18.65 -10.59
N GLY A 193 -1.62 -19.10 -10.39
CA GLY A 193 -0.67 -19.02 -11.48
C GLY A 193 -0.05 -17.64 -11.71
N SER A 194 -0.45 -16.64 -10.95
CA SER A 194 0.25 -15.36 -10.90
C SER A 194 1.23 -15.37 -9.74
N THR A 195 2.23 -14.50 -9.83
CA THR A 195 3.06 -14.17 -8.67
C THR A 195 2.77 -12.74 -8.22
N CYS A 196 3.14 -12.47 -6.97
CA CYS A 196 2.64 -11.30 -6.24
C CYS A 196 3.73 -10.67 -5.37
N TYR A 197 3.45 -9.44 -4.97
CA TYR A 197 4.30 -8.70 -4.04
C TYR A 197 3.48 -7.60 -3.39
N PHE A 198 3.94 -7.13 -2.25
CA PHE A 198 3.31 -6.02 -1.54
C PHE A 198 3.89 -4.69 -1.99
N LYS A 199 3.09 -3.64 -1.84
CA LYS A 199 3.55 -2.26 -1.98
C LYS A 199 2.93 -1.43 -0.88
N ALA A 200 3.59 -0.31 -0.55
CA ALA A 200 3.09 0.61 0.46
C ALA A 200 3.60 2.01 0.13
N GLY A 201 2.74 3.01 0.32
CA GLY A 201 3.15 4.38 0.15
C GLY A 201 1.99 5.27 -0.17
N ALA A 202 2.16 6.12 -1.18
CA ALA A 202 1.11 6.99 -1.68
C ALA A 202 1.07 6.88 -3.20
N TYR A 203 -0.08 6.43 -3.72
CA TYR A 203 -0.30 6.28 -5.16
C TYR A 203 -1.57 7.08 -5.46
N ASN A 204 -1.43 8.16 -6.22
CA ASN A 204 -2.44 9.19 -6.38
C ASN A 204 -3.37 8.85 -7.55
N ASN A 205 -4.61 8.50 -7.25
CA ASN A 205 -5.54 8.00 -8.25
C ASN A 205 -6.58 9.05 -8.61
N ASN A 206 -6.64 9.42 -9.89
CA ASN A 206 -7.68 10.28 -10.43
C ASN A 206 -7.89 11.59 -9.66
N PRO A 207 -6.82 12.35 -9.39
CA PRO A 207 -7.01 13.66 -8.77
C PRO A 207 -7.77 14.61 -9.70
N THR A 208 -8.47 15.56 -9.11
CA THR A 208 -9.05 16.63 -9.89
C THR A 208 -8.15 17.86 -10.01
N ASP A 209 -7.13 17.95 -9.18
CA ASP A 209 -6.09 18.98 -9.30
C ASP A 209 -4.78 18.21 -9.46
N THR A 210 -4.21 18.25 -10.67
CA THR A 210 -3.01 17.47 -10.93
C THR A 210 -1.76 18.05 -10.29
N SER A 211 -1.84 19.24 -9.68
CA SER A 211 -0.73 19.82 -8.96
C SER A 211 -0.79 19.60 -7.46
N ALA A 212 -1.91 19.12 -6.94
CA ALA A 212 -2.02 18.90 -5.51
C ALA A 212 -1.21 17.67 -5.08
N ASN A 213 -0.73 17.69 -3.83
CA ASN A 213 0.09 16.62 -3.27
C ASN A 213 -0.77 15.68 -2.44
N ALA A 214 -0.76 14.40 -2.77
CA ALA A 214 -1.22 13.33 -1.89
C ALA A 214 -0.13 13.07 -0.86
N ARG A 215 -0.52 12.70 0.35
CA ARG A 215 0.44 12.59 1.44
C ARG A 215 -0.03 11.52 2.44
N ILE A 216 0.85 10.55 2.74
CA ILE A 216 0.51 9.41 3.60
C ILE A 216 1.69 9.17 4.53
N LYS A 217 1.41 8.85 5.80
CA LYS A 217 2.46 8.67 6.81
C LYS A 217 2.39 7.28 7.44
N MET A 218 3.54 6.61 7.53
N MET A 218 3.53 6.63 7.59
CA MET A 218 3.68 5.28 8.13
CA MET A 218 3.56 5.29 8.18
C MET A 218 4.50 5.36 9.41
C MET A 218 4.48 5.28 9.39
N TYR A 219 3.93 4.86 10.52
CA TYR A 219 4.67 4.79 11.76
C TYR A 219 5.41 3.47 11.91
N GLU A 220 4.87 2.41 11.30
CA GLU A 220 5.47 1.08 11.28
C GLU A 220 5.11 0.46 9.95
N LEU A 221 5.99 -0.37 9.42
CA LEU A 221 5.71 -1.09 8.18
C LEU A 221 6.58 -2.34 8.15
N GLU A 222 5.97 -3.47 7.80
N GLU A 222 5.98 -3.48 7.81
CA GLU A 222 6.75 -4.68 7.63
CA GLU A 222 6.78 -4.67 7.60
C GLU A 222 6.00 -5.60 6.68
C GLU A 222 6.01 -5.68 6.77
N TRP A 223 6.75 -6.49 6.04
CA TRP A 223 6.16 -7.57 5.27
C TRP A 223 6.99 -8.81 5.47
N VAL A 224 6.30 -9.92 5.72
CA VAL A 224 6.94 -11.15 6.14
C VAL A 224 6.28 -12.35 5.47
N ASP A 225 7.00 -13.46 5.51
CA ASP A 225 6.51 -14.78 5.17
C ASP A 225 6.36 -15.60 6.45
N HIS A 226 5.40 -16.51 6.46
CA HIS A 226 5.30 -17.51 7.51
C HIS A 226 5.08 -18.84 6.84
N HIS A 227 5.99 -19.78 7.08
CA HIS A 227 5.97 -21.08 6.43
C HIS A 227 5.33 -22.15 7.31
C1 BEM B . -4.38 1.19 -11.00
C2 BEM B . -5.19 2.47 -11.06
O2 BEM B . -5.35 2.83 -12.44
C3 BEM B . -6.54 2.30 -10.45
O3 BEM B . -7.28 3.54 -10.64
C4 BEM B . -7.32 1.15 -11.03
O4 BEM B . -8.49 0.89 -10.25
C5 BEM B . -6.45 -0.12 -11.01
O5 BEM B . -5.13 0.07 -11.64
C6 BEM B . -7.16 -1.20 -11.76
O6B BEM B . -7.00 -1.29 -13.01
O6A BEM B . -7.90 -2.00 -11.12
O1 BEM B . -3.19 1.37 -11.62
H1 BEM B . -4.19 0.96 -10.07
H2 BEM B . -4.72 3.18 -10.59
HO2 BEM B . -6.18 2.91 -12.63
H3 BEM B . -6.44 2.13 -9.50
HO3 BEM B . -8.11 3.36 -10.72
H4 BEM B . -7.60 1.37 -11.94
H5 BEM B . -6.32 -0.36 -10.08
HO1 BEM B . -2.66 0.75 -11.40
C1 BEM B . -9.65 0.52 -11.02
C2 BEM B . -10.69 -0.10 -10.09
O2 BEM B . -11.02 0.81 -9.02
C3 BEM B . -11.92 -0.46 -10.87
O3 BEM B . -12.89 -0.98 -9.95
C4 BEM B . -12.49 0.71 -11.62
O4 BEM B . -13.55 0.26 -12.47
C5 BEM B . -11.41 1.34 -12.48
O5 BEM B . -10.22 1.70 -11.69
C6 BEM B . -11.90 2.59 -13.14
O6B BEM B . -11.82 3.68 -12.53
O6A BEM B . -12.38 2.53 -14.30
H3 BEM B . -11.69 -1.14 -11.53
HO3 BEM B . -13.20 -0.35 -9.48
H4 BEM B . -12.86 1.36 -11.00
H5 BEM B . -11.17 0.70 -13.18
C1 BEM B . -14.71 1.04 -12.26
C2 BEM B . -15.75 0.67 -13.31
O2 BEM B . -15.96 -0.76 -13.22
C3 BEM B . -17.03 1.38 -13.06
O3 BEM B . -18.01 0.89 -14.02
C4 BEM B . -17.53 1.16 -11.66
O4 BEM B . -18.69 1.97 -11.44
C5 BEM B . -16.47 1.51 -10.61
O5 BEM B . -15.22 0.80 -10.88
C6 BEM B . -16.87 1.08 -9.23
O6B BEM B . -17.06 1.95 -8.34
O6A BEM B . -16.97 -0.15 -8.96
H3 BEM B . -16.91 2.33 -13.19
HO3 BEM B . -17.81 1.19 -14.79
H4 BEM B . -17.79 0.22 -11.56
HO4 BEM B . -19.09 1.69 -10.74
H5 BEM B . -16.39 2.47 -10.63
C1 MAV C . -4.43 1.45 -10.93
O1 MAV C . -4.18 0.92 -9.77
C2 MAV C . -5.33 2.70 -10.77
O2 MAV C . -5.52 3.30 -12.06
C3 MAV C . -6.68 2.35 -10.21
O3 MAV C . -7.51 3.56 -10.16
C4 MAV C . -7.37 1.27 -10.97
O4 MAV C . -8.56 0.89 -10.20
C5 MAV C . -6.48 0.10 -11.09
O5 MAV C . -5.24 0.44 -11.76
C6 MAV C . -7.05 -1.04 -11.93
O6A MAV C . -7.34 -2.12 -11.35
O6B MAV C . -7.16 -0.92 -13.17
H1 MAV C . -3.60 1.70 -11.36
HO1 MAV C . -4.51 1.40 -9.16
H2 MAV C . -4.90 3.33 -10.18
HO2 MAV C . -5.88 4.06 -11.96
H3 MAV C . -6.56 2.03 -9.30
HO3 MAV C . -8.28 3.37 -9.86
H4 MAV C . -7.65 1.58 -11.84
H5 MAV C . -6.38 -0.23 -10.17
O1 PG4 D . -16.62 -7.24 -17.44
C1 PG4 D . -15.49 -7.18 -18.31
C2 PG4 D . -14.83 -5.85 -18.25
O2 PG4 D . -13.43 -6.00 -18.52
C3 PG4 D . -13.03 -5.39 -19.75
C4 PG4 D . -11.63 -5.80 -20.07
O3 PG4 D . -10.76 -5.52 -18.98
C5 PG4 D . -9.43 -5.70 -19.46
C6 PG4 D . -8.47 -5.66 -18.31
O4 PG4 D . -8.56 -4.38 -17.68
C7 PG4 D . -7.54 -3.54 -18.19
C8 PG4 D . -7.34 -2.39 -17.26
O5 PG4 D . -6.72 -1.33 -17.98
HO1 PG4 D . -16.34 -7.07 -16.66
H11 PG4 D . -15.79 -7.35 -19.22
H12 PG4 D . -14.86 -7.87 -18.04
H21 PG4 D . -14.94 -5.47 -17.36
H22 PG4 D . -15.22 -5.25 -18.91
H31 PG4 D . -13.07 -4.43 -19.66
H32 PG4 D . -13.62 -5.68 -20.45
H41 PG4 D . -11.33 -5.31 -20.86
H42 PG4 D . -11.61 -6.75 -20.26
H51 PG4 D . -9.22 -5.00 -20.08
H52 PG4 D . -9.37 -6.56 -19.89
H61 PG4 D . -7.58 -5.80 -18.63
H62 PG4 D . -8.71 -6.35 -17.67
H71 PG4 D . -7.79 -3.21 -19.06
H72 PG4 D . -6.71 -4.05 -18.26
H81 PG4 D . -8.20 -2.09 -16.92
H82 PG4 D . -6.78 -2.66 -16.51
HO5 PG4 D . -7.34 -0.85 -18.28
#